data_1BDU
#
_entry.id   1BDU
#
_cell.length_a   133.050
_cell.length_b   133.050
_cell.length_c   133.050
_cell.angle_alpha   90.00
_cell.angle_beta   90.00
_cell.angle_gamma   90.00
#
_symmetry.space_group_name_H-M   'I 21 3'
#
loop_
_entity.id
_entity.type
_entity.pdbx_description
1 polymer 'THYMIDYLATE SYNTHASE'
2 non-polymer 'PHOSPHATE ION'
3 non-polymer "2'-DEOXYURIDINE"
4 water water
#
_entity_poly.entity_id   1
_entity_poly.type   'polypeptide(L)'
_entity_poly.pdbx_seq_one_letter_code
;(FMT)MKQYLELMQKVLDEGTQKNDRTGTGTLSIFGHQMRFNLQDGFPLVTTKRCHLRSIIHELLWFLQGDTNIAYLHEN
NVTIWDEWADENGDLGPVYGKQWRAWPTPDGRHIDQITTVLNQLKNDPDSRRIIVSAWNVGELDKMALAPCHAFFQFYVA
DGKLSCQLYQRSCDVFLGLPFNIASYALLVHMMAQQCDLEVGDFVWTGGDTHLYSNHMDQTHLQLSREPRPLPKLIIKRK
PESIFDYRFEDFEIEGYDPHPGIKAPVAI
;
_entity_poly.pdbx_strand_id   A
#
# COMPACT_ATOMS: atom_id res chain seq x y z
N MET A 2 11.19 6.26 -9.69
CA MET A 2 10.13 6.89 -10.49
C MET A 2 10.18 8.39 -10.37
N LYS A 3 9.93 9.07 -11.49
CA LYS A 3 9.90 10.53 -11.55
C LYS A 3 9.10 11.21 -10.44
N GLN A 4 7.81 10.82 -10.24
CA GLN A 4 6.93 11.40 -9.22
C GLN A 4 7.48 11.22 -7.81
N TYR A 5 8.06 10.03 -7.60
CA TYR A 5 8.65 9.65 -6.32
C TYR A 5 9.92 10.43 -6.02
N LEU A 6 10.86 10.56 -6.97
CA LEU A 6 12.08 11.39 -6.82
C LEU A 6 11.77 12.88 -6.64
N GLU A 7 10.74 13.40 -7.33
CA GLU A 7 10.28 14.76 -7.13
C GLU A 7 9.71 14.95 -5.72
N LEU A 8 8.97 13.96 -5.16
CA LEU A 8 8.55 14.02 -3.75
C LEU A 8 9.75 13.93 -2.80
N MET A 9 10.73 13.04 -3.02
CA MET A 9 11.92 12.99 -2.16
C MET A 9 12.64 14.33 -2.10
N GLN A 10 12.80 14.93 -3.26
CA GLN A 10 13.35 16.27 -3.40
C GLN A 10 12.55 17.33 -2.67
N LYS A 11 11.22 17.26 -2.77
CA LYS A 11 10.33 18.20 -2.09
C LYS A 11 10.47 18.13 -0.57
N VAL A 12 10.58 16.92 0.01
CA VAL A 12 10.78 16.76 1.44
C VAL A 12 12.16 17.31 1.85
N LEU A 13 13.21 17.06 1.08
CA LEU A 13 14.52 17.67 1.34
C LEU A 13 14.52 19.19 1.30
N ASP A 14 14.05 19.82 0.23
CA ASP A 14 13.98 21.27 0.13
C ASP A 14 12.94 21.97 0.98
N GLU A 15 11.80 21.34 1.19
CA GLU A 15 10.73 21.95 1.95
C GLU A 15 10.33 21.43 3.32
N GLY A 16 10.69 20.20 3.69
CA GLY A 16 10.31 19.64 4.97
C GLY A 16 10.81 20.42 6.18
N THR A 17 9.95 20.52 7.18
CA THR A 17 10.31 21.15 8.44
C THR A 17 10.83 20.08 9.35
N GLN A 18 11.74 20.44 10.23
CA GLN A 18 12.25 19.52 11.23
C GLN A 18 11.21 19.14 12.28
N LYS A 19 10.77 17.90 12.25
CA LYS A 19 9.77 17.40 13.16
C LYS A 19 10.24 16.11 13.82
N ASN A 20 9.97 15.90 15.10
CA ASN A 20 10.41 14.64 15.67
C ASN A 20 9.32 13.58 15.71
N ASP A 21 9.81 12.36 15.64
CA ASP A 21 9.00 11.15 15.68
C ASP A 21 8.84 10.66 17.13
N ARG A 22 7.93 9.73 17.46
CA ARG A 22 7.68 9.27 18.82
C ARG A 22 8.90 9.00 19.72
N THR A 23 9.20 10.03 20.49
CA THR A 23 10.31 10.09 21.47
C THR A 23 11.67 9.63 20.92
N GLY A 24 11.86 9.84 19.60
CA GLY A 24 13.05 9.35 18.95
C GLY A 24 13.64 10.19 17.81
N THR A 25 13.73 9.55 16.64
CA THR A 25 14.41 10.16 15.50
C THR A 25 13.77 11.42 14.93
N GLY A 26 14.65 12.30 14.47
CA GLY A 26 14.24 13.53 13.86
C GLY A 26 13.82 13.24 12.44
N THR A 27 12.87 14.00 11.90
CA THR A 27 12.45 13.83 10.51
C THR A 27 12.34 15.17 9.80
N LEU A 28 12.55 15.12 8.50
CA LEU A 28 12.20 16.23 7.63
C LEU A 28 10.77 15.95 7.19
N SER A 29 9.84 16.83 7.47
CA SER A 29 8.40 16.63 7.26
C SER A 29 7.56 17.62 6.44
N ILE A 30 6.73 17.15 5.53
CA ILE A 30 5.78 18.01 4.84
C ILE A 30 4.38 17.46 5.10
N PHE A 31 3.35 18.28 5.07
CA PHE A 31 1.96 17.84 5.19
C PHE A 31 1.07 18.07 3.96
N GLY A 32 0.40 17.05 3.43
CA GLY A 32 -0.43 17.26 2.27
C GLY A 32 0.34 17.09 0.97
N HIS A 33 0.21 15.94 0.30
CA HIS A 33 0.87 15.75 -1.00
C HIS A 33 0.05 14.80 -1.85
N GLN A 34 -0.05 14.97 -3.17
CA GLN A 34 -0.76 14.02 -4.02
C GLN A 34 -0.02 13.63 -5.29
N MET A 35 0.07 12.37 -5.65
CA MET A 35 0.73 11.92 -6.88
C MET A 35 -0.20 11.02 -7.68
N ARG A 36 -0.12 11.00 -8.99
CA ARG A 36 -0.94 10.13 -9.82
C ARG A 36 -0.08 9.18 -10.66
N PHE A 37 -0.43 7.91 -10.67
CA PHE A 37 0.22 6.91 -11.49
C PHE A 37 -0.79 6.33 -12.46
N ASN A 38 -0.57 6.53 -13.75
CA ASN A 38 -1.45 5.93 -14.72
C ASN A 38 -0.93 4.49 -14.88
N LEU A 39 -1.72 3.53 -14.41
CA LEU A 39 -1.32 2.12 -14.42
C LEU A 39 -1.25 1.51 -15.81
N GLN A 40 -1.78 2.17 -16.84
CA GLN A 40 -1.60 1.73 -18.23
C GLN A 40 -0.17 1.95 -18.69
N ASP A 41 0.53 2.93 -18.11
CA ASP A 41 1.94 3.18 -18.43
C ASP A 41 3.00 2.25 -17.81
N GLY A 42 2.57 1.30 -17.00
CA GLY A 42 3.48 0.37 -16.38
C GLY A 42 3.18 0.25 -14.90
N PHE A 43 3.70 -0.79 -14.24
CA PHE A 43 3.55 -1.01 -12.82
C PHE A 43 4.44 -0.08 -11.99
N PRO A 44 3.91 0.77 -11.10
CA PRO A 44 4.69 1.72 -10.29
C PRO A 44 5.54 1.14 -9.17
N LEU A 45 6.57 0.43 -9.60
CA LEU A 45 7.55 -0.18 -8.71
C LEU A 45 8.81 0.62 -8.93
N VAL A 46 9.33 1.27 -7.90
CA VAL A 46 10.56 2.07 -7.98
C VAL A 46 11.74 1.31 -8.60
N THR A 47 12.33 1.93 -9.61
CA THR A 47 13.49 1.34 -10.28
C THR A 47 14.78 1.96 -9.77
N THR A 48 14.78 3.13 -9.13
CA THR A 48 16.02 3.72 -8.61
C THR A 48 16.66 3.05 -7.40
N LYS A 49 16.02 2.00 -6.91
CA LYS A 49 16.55 1.10 -5.90
C LYS A 49 15.80 -0.24 -5.99
N ARG A 50 16.46 -1.35 -5.83
CA ARG A 50 15.78 -2.64 -5.90
C ARG A 50 14.79 -2.95 -4.76
N CYS A 51 13.57 -3.21 -5.18
CA CYS A 51 12.50 -3.54 -4.27
C CYS A 51 11.99 -4.94 -4.44
N HIS A 52 11.89 -5.61 -3.32
CA HIS A 52 11.31 -6.94 -3.31
C HIS A 52 9.81 -7.01 -3.09
N LEU A 53 9.16 -7.34 -4.18
CA LEU A 53 7.73 -7.54 -4.21
C LEU A 53 7.18 -8.80 -3.51
N ARG A 54 7.93 -9.89 -3.28
CA ARG A 54 7.35 -11.12 -2.73
C ARG A 54 6.68 -10.99 -1.36
N SER A 55 7.22 -10.19 -0.45
CA SER A 55 6.51 -9.90 0.79
C SER A 55 5.23 -9.08 0.61
N ILE A 56 5.23 -8.15 -0.37
CA ILE A 56 4.11 -7.26 -0.69
C ILE A 56 2.91 -8.08 -1.13
N ILE A 57 3.11 -9.04 -2.05
CA ILE A 57 2.04 -9.92 -2.55
C ILE A 57 1.45 -10.75 -1.43
N HIS A 58 2.32 -11.43 -0.71
CA HIS A 58 1.92 -12.21 0.45
C HIS A 58 1.16 -11.41 1.51
N GLU A 59 1.60 -10.22 1.90
CA GLU A 59 0.83 -9.38 2.81
C GLU A 59 -0.55 -8.98 2.25
N LEU A 60 -0.67 -8.68 0.96
CA LEU A 60 -1.96 -8.30 0.38
C LEU A 60 -2.94 -9.48 0.37
N LEU A 61 -2.49 -10.66 -0.02
CA LEU A 61 -3.33 -11.84 -0.04
C LEU A 61 -3.77 -12.19 1.39
N TRP A 62 -2.89 -11.93 2.36
CA TRP A 62 -3.15 -12.12 3.79
C TRP A 62 -4.23 -11.16 4.32
N PHE A 63 -4.17 -9.88 3.95
CA PHE A 63 -5.22 -8.90 4.20
C PHE A 63 -6.58 -9.30 3.64
N LEU A 64 -6.61 -9.78 2.41
CA LEU A 64 -7.85 -10.23 1.75
C LEU A 64 -8.55 -11.43 2.37
N GLN A 65 -7.82 -12.23 3.11
CA GLN A 65 -8.44 -13.30 3.87
C GLN A 65 -9.01 -12.87 5.20
N GLY A 66 -8.79 -11.62 5.63
CA GLY A 66 -9.31 -11.15 6.94
C GLY A 66 -8.45 -11.62 8.11
N ASP A 67 -7.23 -11.97 7.76
CA ASP A 67 -6.26 -12.54 8.67
C ASP A 67 -5.44 -11.46 9.40
N THR A 68 -5.46 -11.60 10.72
CA THR A 68 -4.80 -10.68 11.65
C THR A 68 -3.63 -11.28 12.48
N ASN A 69 -3.49 -12.59 12.35
CA ASN A 69 -2.39 -13.36 12.92
C ASN A 69 -1.30 -13.61 11.87
N ILE A 70 -0.06 -13.57 12.33
CA ILE A 70 1.16 -13.81 11.58
C ILE A 70 1.48 -15.18 10.96
N ALA A 71 0.84 -16.27 11.40
CA ALA A 71 1.08 -17.62 10.92
C ALA A 71 1.23 -17.83 9.41
N TYR A 72 0.30 -17.30 8.60
CA TYR A 72 0.35 -17.39 7.13
C TYR A 72 1.61 -16.74 6.56
N LEU A 73 1.99 -15.59 7.10
CA LEU A 73 3.17 -14.89 6.64
C LEU A 73 4.41 -15.71 7.01
N HIS A 74 4.39 -16.30 8.20
CA HIS A 74 5.44 -17.20 8.65
C HIS A 74 5.60 -18.49 7.86
N GLU A 75 4.52 -19.14 7.42
CA GLU A 75 4.61 -20.33 6.55
C GLU A 75 5.33 -20.06 5.22
N ASN A 76 5.34 -18.79 4.84
CA ASN A 76 6.00 -18.28 3.65
C ASN A 76 7.26 -17.46 3.91
N ASN A 77 7.70 -17.45 5.17
CA ASN A 77 8.82 -16.69 5.69
C ASN A 77 8.88 -15.19 5.35
N VAL A 78 7.71 -14.61 5.55
CA VAL A 78 7.46 -13.19 5.42
C VAL A 78 7.34 -12.69 6.87
N THR A 79 8.35 -11.89 7.11
CA THR A 79 8.61 -11.47 8.45
C THR A 79 8.44 -10.00 8.79
N ILE A 80 7.85 -9.25 7.86
CA ILE A 80 7.65 -7.83 8.02
C ILE A 80 6.70 -7.39 9.11
N TRP A 81 5.85 -8.24 9.66
CA TRP A 81 4.98 -7.89 10.78
C TRP A 81 5.39 -8.42 12.15
N ASP A 82 6.50 -9.16 12.20
CA ASP A 82 7.07 -9.70 13.44
C ASP A 82 7.26 -8.71 14.57
N GLU A 83 7.77 -7.54 14.22
CA GLU A 83 8.02 -6.41 15.12
C GLU A 83 6.85 -5.98 16.00
N TRP A 84 5.65 -6.18 15.48
CA TRP A 84 4.43 -5.75 16.12
C TRP A 84 3.64 -6.88 16.78
N ALA A 85 3.74 -8.08 16.23
CA ALA A 85 3.01 -9.23 16.74
C ALA A 85 3.31 -9.62 18.19
N ASP A 86 2.30 -10.00 18.96
CA ASP A 86 2.52 -10.54 20.31
C ASP A 86 3.02 -12.01 20.28
N GLU A 87 3.13 -12.59 21.47
CA GLU A 87 3.52 -13.98 21.69
C GLU A 87 2.75 -15.03 20.88
N ASN A 88 1.46 -14.83 20.63
CA ASN A 88 0.72 -15.75 19.75
C ASN A 88 0.71 -15.37 18.27
N GLY A 89 1.46 -14.37 17.82
CA GLY A 89 1.40 -13.92 16.43
C GLY A 89 0.22 -12.99 16.13
N ASP A 90 -0.50 -12.51 17.14
CA ASP A 90 -1.63 -11.61 16.92
C ASP A 90 -1.24 -10.16 16.88
N LEU A 91 -1.83 -9.49 15.89
CA LEU A 91 -1.67 -8.05 15.72
C LEU A 91 -2.85 -7.17 16.15
N GLY A 92 -3.92 -7.77 16.69
CA GLY A 92 -5.15 -7.06 17.07
C GLY A 92 -6.02 -6.83 15.83
N PRO A 93 -7.12 -6.07 15.84
CA PRO A 93 -7.97 -5.91 14.68
C PRO A 93 -7.47 -4.92 13.62
N VAL A 94 -6.27 -5.13 13.09
CA VAL A 94 -5.72 -4.25 12.08
C VAL A 94 -6.37 -4.50 10.69
N TYR A 95 -5.78 -3.96 9.62
CA TYR A 95 -6.30 -4.01 8.26
C TYR A 95 -7.26 -5.09 7.80
N GLY A 96 -6.89 -6.34 7.65
CA GLY A 96 -7.74 -7.38 7.10
C GLY A 96 -9.02 -7.63 7.86
N LYS A 97 -8.95 -7.54 9.19
CA LYS A 97 -10.14 -7.63 10.03
C LYS A 97 -11.10 -6.46 9.71
N GLN A 98 -10.63 -5.21 9.58
CA GLN A 98 -11.52 -4.11 9.20
C GLN A 98 -11.99 -4.22 7.75
N TRP A 99 -11.15 -4.67 6.82
CA TRP A 99 -11.51 -4.84 5.43
C TRP A 99 -12.63 -5.86 5.21
N ARG A 100 -12.55 -6.97 5.94
CA ARG A 100 -13.43 -8.14 5.79
C ARG A 100 -14.52 -8.33 6.82
N ALA A 101 -14.35 -7.81 8.01
CA ALA A 101 -15.29 -8.00 9.07
C ALA A 101 -15.31 -6.82 10.04
N TRP A 102 -15.65 -5.62 9.54
CA TRP A 102 -15.79 -4.43 10.36
C TRP A 102 -16.89 -4.73 11.41
N PRO A 103 -16.71 -4.64 12.74
CA PRO A 103 -17.79 -4.89 13.67
C PRO A 103 -18.70 -3.70 13.96
N THR A 104 -20.00 -3.95 13.84
CA THR A 104 -20.98 -2.89 14.09
C THR A 104 -21.43 -2.89 15.56
N PRO A 105 -22.04 -1.84 16.13
CA PRO A 105 -22.55 -1.84 17.50
C PRO A 105 -23.58 -2.94 17.76
N ASP A 106 -24.32 -3.39 16.74
CA ASP A 106 -25.32 -4.42 16.92
C ASP A 106 -24.89 -5.84 16.58
N GLY A 107 -23.61 -6.20 16.54
CA GLY A 107 -23.26 -7.60 16.39
C GLY A 107 -23.00 -8.08 14.98
N ARG A 108 -23.19 -7.27 13.94
CA ARG A 108 -22.82 -7.66 12.57
C ARG A 108 -21.32 -7.48 12.26
N HIS A 109 -20.84 -8.07 11.19
CA HIS A 109 -19.48 -7.90 10.71
C HIS A 109 -19.58 -7.56 9.25
N ILE A 110 -19.12 -6.40 8.82
CA ILE A 110 -19.28 -5.92 7.45
C ILE A 110 -18.04 -6.19 6.64
N ASP A 111 -18.30 -6.85 5.52
CA ASP A 111 -17.29 -7.21 4.55
C ASP A 111 -17.21 -6.06 3.54
N GLN A 112 -16.34 -5.10 3.80
CA GLN A 112 -16.23 -3.96 2.91
C GLN A 112 -15.68 -4.30 1.53
N ILE A 113 -14.93 -5.40 1.41
CA ILE A 113 -14.33 -5.80 0.12
C ILE A 113 -15.40 -6.35 -0.82
N THR A 114 -16.32 -7.20 -0.35
CA THR A 114 -17.43 -7.68 -1.18
C THR A 114 -18.39 -6.54 -1.49
N THR A 115 -18.66 -5.60 -0.56
CA THR A 115 -19.51 -4.44 -0.85
C THR A 115 -18.95 -3.64 -2.04
N VAL A 116 -17.68 -3.25 -2.01
CA VAL A 116 -16.98 -2.58 -3.09
C VAL A 116 -17.07 -3.34 -4.42
N LEU A 117 -16.84 -4.65 -4.53
CA LEU A 117 -17.05 -5.39 -5.77
C LEU A 117 -18.52 -5.34 -6.25
N ASN A 118 -19.47 -5.46 -5.33
CA ASN A 118 -20.89 -5.33 -5.64
C ASN A 118 -21.20 -3.96 -6.25
N GLN A 119 -20.67 -2.90 -5.66
CA GLN A 119 -20.84 -1.55 -6.18
C GLN A 119 -20.18 -1.37 -7.53
N LEU A 120 -18.97 -1.89 -7.72
CA LEU A 120 -18.29 -1.79 -9.01
C LEU A 120 -18.96 -2.52 -10.17
N LYS A 121 -19.68 -3.59 -9.84
CA LYS A 121 -20.41 -4.37 -10.82
C LYS A 121 -21.80 -3.84 -11.07
N ASN A 122 -22.54 -3.46 -10.03
CA ASN A 122 -23.93 -3.05 -10.17
C ASN A 122 -24.26 -1.56 -10.05
N ASP A 123 -23.34 -0.76 -9.55
CA ASP A 123 -23.53 0.69 -9.40
C ASP A 123 -22.18 1.39 -9.68
N PRO A 124 -21.51 1.25 -10.82
CA PRO A 124 -20.16 1.78 -11.03
C PRO A 124 -19.94 3.28 -10.92
N ASP A 125 -20.98 4.10 -11.10
CA ASP A 125 -20.90 5.56 -10.99
C ASP A 125 -21.03 6.08 -9.57
N SER A 126 -21.24 5.19 -8.59
CA SER A 126 -21.29 5.58 -7.20
C SER A 126 -20.10 6.39 -6.72
N ARG A 127 -20.39 7.45 -5.95
CA ARG A 127 -19.37 8.30 -5.32
C ARG A 127 -19.04 7.86 -3.89
N ARG A 128 -19.46 6.67 -3.53
CA ARG A 128 -19.40 6.11 -2.19
C ARG A 128 -18.63 4.79 -2.13
N ILE A 129 -17.80 4.47 -3.12
CA ILE A 129 -17.18 3.15 -3.18
C ILE A 129 -15.86 3.20 -2.42
N ILE A 130 -16.02 3.06 -1.12
CA ILE A 130 -14.97 3.25 -0.13
C ILE A 130 -14.67 2.01 0.73
N VAL A 131 -13.41 1.73 1.04
CA VAL A 131 -13.20 0.89 2.20
C VAL A 131 -12.28 1.65 3.15
N SER A 132 -12.66 1.57 4.41
CA SER A 132 -11.98 2.24 5.50
C SER A 132 -11.45 1.26 6.53
N ALA A 133 -10.27 1.52 7.03
CA ALA A 133 -9.69 0.77 8.12
C ALA A 133 -9.62 1.63 9.37
N TRP A 134 -9.97 2.91 9.30
CA TRP A 134 -9.98 3.73 10.50
C TRP A 134 -11.24 3.50 11.35
N ASN A 135 -11.23 2.38 12.07
CA ASN A 135 -12.22 2.07 13.07
C ASN A 135 -11.87 2.62 14.45
N VAL A 136 -12.41 3.78 14.75
CA VAL A 136 -12.19 4.51 16.00
C VAL A 136 -12.40 3.69 17.27
N GLY A 137 -13.44 2.89 17.36
CA GLY A 137 -13.72 2.09 18.54
C GLY A 137 -12.73 0.96 18.77
N GLU A 138 -11.99 0.54 17.74
CA GLU A 138 -11.01 -0.54 17.85
C GLU A 138 -9.55 -0.11 17.82
N LEU A 139 -9.26 1.19 17.74
CA LEU A 139 -7.88 1.65 17.61
C LEU A 139 -7.00 1.30 18.81
N ASP A 140 -7.48 1.42 20.05
CA ASP A 140 -6.76 0.97 21.24
C ASP A 140 -6.39 -0.51 21.29
N LYS A 141 -6.98 -1.41 20.50
CA LYS A 141 -6.61 -2.81 20.52
C LYS A 141 -5.70 -3.17 19.33
N MET A 142 -5.50 -2.30 18.36
CA MET A 142 -4.64 -2.56 17.22
C MET A 142 -3.16 -2.47 17.55
N ALA A 143 -2.27 -3.33 17.04
CA ALA A 143 -0.83 -3.20 17.34
C ALA A 143 -0.23 -1.83 16.97
N LEU A 144 -0.74 -1.31 15.86
CA LEU A 144 -0.48 0.02 15.35
C LEU A 144 -1.70 0.57 14.61
N ALA A 145 -1.99 1.85 14.72
CA ALA A 145 -3.14 2.43 14.03
C ALA A 145 -2.87 2.44 12.54
N PRO A 146 -3.84 2.17 11.65
CA PRO A 146 -3.68 2.10 10.19
C PRO A 146 -2.97 3.26 9.54
N CYS A 147 -1.93 3.13 8.73
CA CYS A 147 -1.28 4.26 8.06
C CYS A 147 -1.99 4.54 6.74
N HIS A 148 -2.23 3.47 5.98
CA HIS A 148 -3.09 3.53 4.81
C HIS A 148 -4.49 3.23 5.30
N ALA A 149 -5.12 4.32 5.65
CA ALA A 149 -6.36 4.31 6.41
C ALA A 149 -7.68 4.21 5.73
N PHE A 150 -7.75 4.65 4.49
CA PHE A 150 -9.02 4.89 3.80
C PHE A 150 -8.77 4.93 2.28
N PHE A 151 -9.53 4.24 1.48
CA PHE A 151 -9.41 4.36 0.03
C PHE A 151 -10.72 4.26 -0.71
N GLN A 152 -10.75 4.95 -1.85
CA GLN A 152 -11.92 5.09 -2.68
C GLN A 152 -11.68 4.66 -4.11
N PHE A 153 -12.56 3.84 -4.63
CA PHE A 153 -12.57 3.49 -6.02
C PHE A 153 -13.47 4.44 -6.83
N TYR A 154 -13.16 4.55 -8.09
CA TYR A 154 -13.88 5.39 -9.06
C TYR A 154 -13.92 4.72 -10.43
N VAL A 155 -15.07 4.65 -11.08
CA VAL A 155 -15.14 4.15 -12.45
C VAL A 155 -15.60 5.21 -13.46
N ALA A 156 -14.79 5.49 -14.46
CA ALA A 156 -15.18 6.32 -15.58
C ALA A 156 -14.58 5.75 -16.87
N ASP A 157 -15.34 5.72 -17.97
CA ASP A 157 -14.91 5.22 -19.28
C ASP A 157 -14.29 3.84 -19.36
N GLY A 158 -14.90 2.86 -18.69
CA GLY A 158 -14.37 1.49 -18.69
C GLY A 158 -13.11 1.25 -17.86
N LYS A 159 -12.68 2.27 -17.12
CA LYS A 159 -11.45 2.26 -16.34
C LYS A 159 -11.59 2.46 -14.83
N LEU A 160 -10.93 1.61 -14.07
CA LEU A 160 -10.90 1.67 -12.61
C LEU A 160 -9.74 2.50 -12.07
N SER A 161 -10.11 3.57 -11.35
CA SER A 161 -9.14 4.37 -10.62
C SER A 161 -9.31 4.20 -9.11
N CYS A 162 -8.32 4.56 -8.31
CA CYS A 162 -8.33 4.36 -6.87
C CYS A 162 -7.48 5.40 -6.15
N GLN A 163 -8.00 6.04 -5.13
CA GLN A 163 -7.24 7.02 -4.36
C GLN A 163 -7.11 6.54 -2.91
N LEU A 164 -5.86 6.50 -2.48
CA LEU A 164 -5.49 6.16 -1.13
C LEU A 164 -5.14 7.38 -0.31
N TYR A 165 -5.67 7.39 0.91
CA TYR A 165 -5.30 8.38 1.90
C TYR A 165 -4.38 7.67 2.87
N GLN A 166 -3.14 8.18 2.97
CA GLN A 166 -2.15 7.71 3.89
C GLN A 166 -1.80 8.78 4.91
N ARG A 167 -2.19 8.58 6.17
CA ARG A 167 -1.98 9.54 7.26
C ARG A 167 -0.54 9.89 7.59
N SER A 168 0.27 8.86 7.42
CA SER A 168 1.69 8.89 7.75
C SER A 168 2.50 8.04 6.81
N CYS A 169 3.57 8.65 6.34
CA CYS A 169 4.44 8.01 5.37
C CYS A 169 5.94 8.25 5.48
N ASP A 170 6.74 7.19 5.65
CA ASP A 170 8.20 7.21 5.58
C ASP A 170 8.54 7.05 4.09
N VAL A 171 8.97 8.13 3.46
CA VAL A 171 9.19 8.16 2.00
C VAL A 171 10.23 7.20 1.49
N PHE A 172 11.30 7.05 2.25
CA PHE A 172 12.38 6.16 1.86
C PHE A 172 12.04 4.68 2.03
N LEU A 173 11.66 4.20 3.19
CA LEU A 173 11.46 2.77 3.39
C LEU A 173 10.08 2.23 3.07
N GLY A 174 9.06 2.96 3.47
CA GLY A 174 7.72 2.44 3.36
C GLY A 174 6.97 2.74 2.07
N LEU A 175 7.07 3.98 1.56
CA LEU A 175 6.28 4.36 0.38
C LEU A 175 6.44 3.55 -0.92
N PRO A 176 7.59 3.13 -1.44
CA PRO A 176 7.65 2.25 -2.62
C PRO A 176 6.84 0.96 -2.51
N PHE A 177 6.77 0.48 -1.28
CA PHE A 177 6.05 -0.71 -0.84
C PHE A 177 4.55 -0.41 -0.80
N ASN A 178 4.16 0.71 -0.18
CA ASN A 178 2.77 1.16 -0.16
C ASN A 178 2.16 1.31 -1.56
N ILE A 179 2.87 1.93 -2.50
CA ILE A 179 2.38 2.12 -3.85
C ILE A 179 2.22 0.79 -4.58
N ALA A 180 3.22 -0.09 -4.59
CA ALA A 180 3.11 -1.37 -5.31
C ALA A 180 2.01 -2.25 -4.74
N SER A 181 1.82 -2.20 -3.43
CA SER A 181 0.75 -2.93 -2.77
C SER A 181 -0.63 -2.56 -3.29
N TYR A 182 -0.89 -1.24 -3.40
CA TYR A 182 -2.18 -0.75 -3.85
C TYR A 182 -2.40 -0.84 -5.34
N ALA A 183 -1.40 -0.56 -6.16
CA ALA A 183 -1.48 -0.76 -7.59
C ALA A 183 -1.82 -2.20 -7.99
N LEU A 184 -1.34 -3.18 -7.25
CA LEU A 184 -1.61 -4.61 -7.41
C LEU A 184 -3.08 -4.95 -7.13
N LEU A 185 -3.63 -4.40 -6.03
CA LEU A 185 -5.05 -4.54 -5.71
C LEU A 185 -5.96 -3.90 -6.77
N VAL A 186 -5.66 -2.71 -7.32
CA VAL A 186 -6.42 -2.08 -8.42
C VAL A 186 -6.47 -3.03 -9.62
N HIS A 187 -5.35 -3.62 -10.03
CA HIS A 187 -5.31 -4.68 -11.04
C HIS A 187 -6.14 -5.90 -10.67
N MET A 188 -6.14 -6.41 -9.43
CA MET A 188 -7.00 -7.55 -9.08
C MET A 188 -8.49 -7.23 -9.12
N MET A 189 -8.91 -6.10 -8.53
CA MET A 189 -10.30 -5.59 -8.60
C MET A 189 -10.76 -5.39 -10.04
N ALA A 190 -9.92 -4.77 -10.89
CA ALA A 190 -10.20 -4.56 -12.31
C ALA A 190 -10.46 -5.87 -13.06
N GLN A 191 -9.58 -6.84 -12.88
CA GLN A 191 -9.72 -8.16 -13.46
C GLN A 191 -11.06 -8.78 -13.04
N GLN A 192 -11.41 -8.72 -11.74
CA GLN A 192 -12.67 -9.28 -11.28
C GLN A 192 -13.94 -8.59 -11.80
N CYS A 193 -13.90 -7.27 -12.02
CA CYS A 193 -15.04 -6.51 -12.55
C CYS A 193 -15.10 -6.31 -14.07
N ASP A 194 -14.23 -6.96 -14.82
CA ASP A 194 -14.09 -6.76 -16.25
C ASP A 194 -13.85 -5.31 -16.65
N LEU A 195 -13.09 -4.58 -15.84
CA LEU A 195 -12.68 -3.21 -16.15
C LEU A 195 -11.20 -3.10 -16.50
N GLU A 196 -10.79 -2.08 -17.24
CA GLU A 196 -9.38 -1.77 -17.48
C GLU A 196 -8.77 -1.02 -16.30
N VAL A 197 -7.46 -0.97 -16.07
CA VAL A 197 -6.91 -0.14 -15.00
C VAL A 197 -6.72 1.31 -15.46
N GLY A 198 -6.96 2.19 -14.51
CA GLY A 198 -6.81 3.60 -14.71
C GLY A 198 -5.69 4.14 -13.84
N ASP A 199 -6.04 5.06 -12.96
CA ASP A 199 -5.05 5.72 -12.15
C ASP A 199 -5.01 5.31 -10.71
N PHE A 200 -3.83 5.24 -10.12
CA PHE A 200 -3.70 5.16 -8.69
C PHE A 200 -3.24 6.54 -8.22
N VAL A 201 -4.06 7.18 -7.40
CA VAL A 201 -3.81 8.49 -6.84
C VAL A 201 -3.37 8.25 -5.40
N TRP A 202 -2.17 8.69 -5.04
CA TRP A 202 -1.69 8.55 -3.68
C TRP A 202 -1.76 9.92 -3.03
N THR A 203 -2.50 10.02 -1.92
CA THR A 203 -2.59 11.22 -1.11
C THR A 203 -1.99 11.01 0.27
N GLY A 204 -1.07 11.85 0.72
CA GLY A 204 -0.50 11.71 2.04
C GLY A 204 -0.65 12.91 2.97
N GLY A 205 -0.68 12.52 4.24
CA GLY A 205 -0.71 13.40 5.37
C GLY A 205 0.71 13.78 5.75
N ASP A 206 1.22 13.37 6.90
CA ASP A 206 2.59 13.67 7.32
C ASP A 206 3.56 12.81 6.53
N THR A 207 4.14 13.43 5.50
CA THR A 207 5.04 12.76 4.55
C THR A 207 6.47 13.19 4.88
N HIS A 208 7.28 12.21 5.24
CA HIS A 208 8.58 12.49 5.81
C HIS A 208 9.74 11.61 5.43
N LEU A 209 10.91 12.12 5.79
CA LEU A 209 12.20 11.45 5.66
C LEU A 209 12.96 11.46 6.99
N TYR A 210 13.38 10.31 7.51
CA TYR A 210 14.18 10.23 8.73
C TYR A 210 15.58 10.81 8.55
N SER A 211 16.04 11.55 9.54
CA SER A 211 17.35 12.17 9.51
C SER A 211 18.50 11.22 9.26
N ASN A 212 18.53 9.98 9.78
CA ASN A 212 19.61 9.04 9.47
C ASN A 212 19.43 8.29 8.13
N HIS A 213 18.59 8.80 7.25
CA HIS A 213 18.46 8.25 5.88
C HIS A 213 18.91 9.26 4.82
N MET A 214 19.53 10.36 5.24
CA MET A 214 19.98 11.38 4.32
C MET A 214 21.03 10.97 3.27
N ASP A 215 22.02 10.16 3.63
CA ASP A 215 23.05 9.73 2.68
C ASP A 215 22.40 8.87 1.62
N GLN A 216 21.49 7.99 2.03
CA GLN A 216 20.75 7.12 1.11
C GLN A 216 19.81 7.83 0.12
N THR A 217 19.07 8.86 0.55
CA THR A 217 18.18 9.64 -0.32
C THR A 217 18.96 10.45 -1.34
N HIS A 218 20.07 11.06 -0.91
CA HIS A 218 20.99 11.68 -1.86
C HIS A 218 21.59 10.67 -2.84
N LEU A 219 22.02 9.49 -2.41
CA LEU A 219 22.47 8.45 -3.34
C LEU A 219 21.39 8.10 -4.37
N GLN A 220 20.13 7.89 -3.95
CA GLN A 220 19.02 7.59 -4.85
C GLN A 220 18.62 8.68 -5.83
N LEU A 221 18.60 9.93 -5.39
CA LEU A 221 18.36 11.05 -6.26
C LEU A 221 19.44 11.22 -7.34
N SER A 222 20.64 10.64 -7.19
CA SER A 222 21.69 10.62 -8.24
C SER A 222 21.30 9.81 -9.48
N ARG A 223 20.50 8.78 -9.19
CA ARG A 223 20.04 7.83 -10.18
C ARG A 223 18.88 8.25 -11.08
N GLU A 224 19.09 8.01 -12.37
CA GLU A 224 18.07 8.17 -13.39
C GLU A 224 17.06 7.03 -13.36
N PRO A 225 15.74 7.26 -13.33
CA PRO A 225 14.74 6.21 -13.48
C PRO A 225 14.80 5.39 -14.75
N ARG A 226 14.48 4.12 -14.57
CA ARG A 226 14.44 3.10 -15.61
C ARG A 226 13.01 2.90 -16.14
N PRO A 227 12.73 2.42 -17.36
CA PRO A 227 11.38 2.05 -17.80
C PRO A 227 10.58 1.26 -16.77
N LEU A 228 9.35 1.64 -16.48
CA LEU A 228 8.56 0.93 -15.50
C LEU A 228 8.20 -0.50 -15.90
N PRO A 229 8.15 -1.48 -15.01
CA PRO A 229 7.86 -2.86 -15.38
C PRO A 229 6.42 -3.16 -15.75
N LYS A 230 6.14 -4.34 -16.27
CA LYS A 230 4.78 -4.76 -16.62
C LYS A 230 4.27 -5.88 -15.73
N LEU A 231 3.14 -5.72 -15.06
CA LEU A 231 2.54 -6.81 -14.29
C LEU A 231 1.58 -7.70 -15.11
N ILE A 232 1.90 -8.98 -15.16
CA ILE A 232 1.06 -9.98 -15.78
C ILE A 232 0.47 -10.91 -14.73
N ILE A 233 -0.82 -11.07 -14.80
CA ILE A 233 -1.57 -12.01 -13.95
C ILE A 233 -1.85 -13.26 -14.80
N LYS A 234 -1.27 -14.40 -14.44
CA LYS A 234 -1.33 -15.60 -15.25
C LYS A 234 -2.66 -16.35 -15.29
N ARG A 235 -3.59 -15.93 -14.45
CA ARG A 235 -4.84 -16.66 -14.24
C ARG A 235 -5.96 -15.72 -13.76
N LYS A 236 -7.20 -15.86 -14.21
CA LYS A 236 -8.30 -15.13 -13.62
C LYS A 236 -9.01 -16.03 -12.60
N PRO A 237 -8.81 -15.86 -11.29
CA PRO A 237 -9.49 -16.58 -10.24
C PRO A 237 -10.98 -16.29 -10.23
N GLU A 238 -11.73 -17.23 -9.66
CA GLU A 238 -13.19 -17.10 -9.59
C GLU A 238 -13.75 -16.03 -8.65
N SER A 239 -12.89 -15.52 -7.78
CA SER A 239 -13.21 -14.40 -6.93
C SER A 239 -11.94 -13.74 -6.43
N ILE A 240 -12.10 -12.55 -5.85
CA ILE A 240 -10.99 -11.75 -5.29
C ILE A 240 -10.23 -12.42 -4.13
N PHE A 241 -10.89 -13.39 -3.51
CA PHE A 241 -10.29 -14.11 -2.40
C PHE A 241 -9.57 -15.42 -2.80
N ASP A 242 -9.55 -15.75 -4.08
CA ASP A 242 -8.91 -16.96 -4.60
C ASP A 242 -7.58 -16.78 -5.34
N TYR A 243 -6.87 -15.67 -5.15
CA TYR A 243 -5.59 -15.47 -5.78
C TYR A 243 -4.51 -16.19 -4.99
N ARG A 244 -3.46 -16.54 -5.70
CA ARG A 244 -2.33 -17.29 -5.17
C ARG A 244 -1.06 -16.57 -5.57
N PHE A 245 -0.03 -16.63 -4.73
CA PHE A 245 1.25 -15.98 -5.01
C PHE A 245 1.79 -16.13 -6.43
N GLU A 246 1.68 -17.34 -6.96
CA GLU A 246 2.20 -17.66 -8.27
C GLU A 246 1.37 -17.13 -9.43
N ASP A 247 0.27 -16.44 -9.14
CA ASP A 247 -0.55 -15.83 -10.20
C ASP A 247 0.05 -14.58 -10.80
N PHE A 248 1.03 -14.03 -10.12
CA PHE A 248 1.63 -12.75 -10.46
C PHE A 248 3.06 -12.78 -10.95
N GLU A 249 3.35 -12.07 -12.04
CA GLU A 249 4.67 -11.91 -12.58
C GLU A 249 4.99 -10.49 -12.96
N ILE A 250 6.19 -10.03 -12.68
CA ILE A 250 6.62 -8.70 -13.03
C ILE A 250 7.61 -8.93 -14.15
N GLU A 251 7.34 -8.26 -15.25
CA GLU A 251 8.12 -8.43 -16.46
C GLU A 251 8.87 -7.16 -16.82
N GLY A 252 10.13 -7.19 -17.21
CA GLY A 252 10.82 -5.95 -17.61
C GLY A 252 11.32 -5.06 -16.47
N TYR A 253 11.63 -5.66 -15.31
CA TYR A 253 12.09 -4.89 -14.16
C TYR A 253 13.62 -4.89 -14.05
N ASP A 254 14.27 -3.77 -14.31
CA ASP A 254 15.73 -3.70 -14.21
C ASP A 254 16.18 -2.52 -13.35
N PRO A 255 16.13 -2.67 -12.02
CA PRO A 255 16.46 -1.62 -11.07
C PRO A 255 17.93 -1.30 -10.89
N HIS A 256 18.20 -0.19 -10.24
CA HIS A 256 19.53 0.09 -9.74
C HIS A 256 19.72 -0.77 -8.49
N PRO A 257 20.91 -0.95 -7.88
CA PRO A 257 21.07 -1.82 -6.72
C PRO A 257 20.22 -1.42 -5.51
N GLY A 258 19.85 -2.34 -4.64
CA GLY A 258 19.08 -2.04 -3.44
C GLY A 258 19.86 -1.14 -2.48
N ILE A 259 19.19 -0.23 -1.74
CA ILE A 259 19.83 0.62 -0.75
C ILE A 259 19.34 0.30 0.66
N LYS A 260 20.19 0.00 1.64
CA LYS A 260 19.74 -0.24 3.01
C LYS A 260 19.45 1.00 3.87
N ALA A 261 18.34 0.92 4.56
CA ALA A 261 17.87 1.95 5.42
C ALA A 261 17.74 1.46 6.87
N PRO A 262 18.62 1.83 7.78
CA PRO A 262 18.49 1.43 9.17
C PRO A 262 17.44 2.23 9.92
N VAL A 263 16.98 1.70 11.04
CA VAL A 263 16.03 2.36 11.90
C VAL A 263 16.51 2.32 13.33
N ALA A 264 16.24 3.39 14.05
CA ALA A 264 16.48 3.43 15.47
C ALA A 264 15.43 2.61 16.21
N ILE A 265 15.79 2.25 17.41
CA ILE A 265 14.95 1.45 18.26
C ILE A 265 14.69 2.20 19.59
#